data_2XX4
#
_entry.id   2XX4
#
_cell.length_a   73.736
_cell.length_b   73.736
_cell.length_c   110.000
_cell.angle_alpha   90.00
_cell.angle_beta   90.00
_cell.angle_gamma   90.00
#
_symmetry.space_group_name_H-M   'P 43 2 2'
#
loop_
_entity.id
_entity.type
_entity.pdbx_description
1 polymer 'ATP-DEPENDENT MOLECULAR CHAPERONE HSP82'
2 non-polymer '(E)-ETHYL 13-CHLORO-14,16-DIHYDROXY-1,11-DIOXO-1,2,3,4,7,8,9,10,11,12-DECAHYDROBENZO[C][1]AZACYCLOTETRADECINE-10-CARBOXYLATE'
3 water water
#
_entity_poly.entity_id   1
_entity_poly.type   'polypeptide(L)'
_entity_poly.pdbx_seq_one_letter_code
;MASETFEFQAEITQLMSLIINTVYSNKEIFLRELISNASDALDKIRYKSLSDPKQLETEPDLFIRITPKPEQKVLEIRDS
GIGMTKAELINNLGTIAKSGTKAFMEALSAGADVSMIGQFGVGFYSLFLVADRVQVISKSNDDEQYIWESNAGGSFTVTL
DEVNERIGRGTILRLFLKDDQLEYLEEKRIKEVIKRHSEFVAYPIQLVVTKEVE
;
_entity_poly.pdbx_strand_id   A
#
loop_
_chem_comp.id
_chem_comp.type
_chem_comp.name
_chem_comp.formula
13I non-polymer '(E)-ETHYL 13-CHLORO-14,16-DIHYDROXY-1,11-DIOXO-1,2,3,4,7,8,9,10,11,12-DECAHYDROBENZO[C][1]AZACYCLOTETRADECINE-10-CARBOXYLATE' 'C20 H26 Cl N O6'
#
# COMPACT_ATOMS: atom_id res chain seq x y z
N MET A 1 -1.93 -0.28 -24.63
CA MET A 1 -0.96 -0.73 -23.62
C MET A 1 -1.47 -1.97 -22.88
N ALA A 2 -0.98 -3.14 -23.27
CA ALA A 2 -1.58 -4.41 -22.83
C ALA A 2 -1.22 -4.79 -21.40
N SER A 3 -2.22 -5.27 -20.69
CA SER A 3 -2.04 -5.85 -19.37
C SER A 3 -1.44 -7.25 -19.45
N GLU A 4 -0.63 -7.60 -18.47
CA GLU A 4 -0.25 -8.99 -18.24
C GLU A 4 -0.93 -9.53 -16.98
N THR A 5 -1.34 -10.79 -17.05
CA THR A 5 -2.04 -11.42 -15.94
C THR A 5 -1.15 -12.50 -15.33
N PHE A 6 -1.14 -12.56 -13.99
CA PHE A 6 -0.34 -13.52 -13.24
C PHE A 6 -1.20 -14.21 -12.20
N GLU A 7 -0.80 -15.41 -11.81
CA GLU A 7 -1.56 -16.15 -10.81
C GLU A 7 -0.95 -15.91 -9.44
N PHE A 8 -1.79 -15.71 -8.45
CA PHE A 8 -1.34 -15.55 -7.07
C PHE A 8 -0.86 -16.88 -6.52
N GLN A 9 0.20 -16.87 -5.73
CA GLN A 9 0.57 -18.05 -4.94
CA GLN A 9 0.55 -18.07 -4.99
C GLN A 9 -0.64 -18.41 -4.09
N ALA A 10 -0.99 -19.69 -4.03
CA ALA A 10 -2.22 -20.19 -3.39
C ALA A 10 -2.53 -19.63 -2.00
N GLU A 11 -1.54 -19.62 -1.12
CA GLU A 11 -1.74 -19.14 0.24
C GLU A 11 -2.05 -17.63 0.29
N ILE A 12 -1.52 -16.87 -0.65
CA ILE A 12 -1.83 -15.44 -0.72
C ILE A 12 -3.30 -15.23 -1.04
N THR A 13 -3.79 -15.94 -2.05
CA THR A 13 -5.20 -15.88 -2.40
C THR A 13 -6.06 -16.25 -1.18
N GLN A 14 -5.57 -17.22 -0.41
CA GLN A 14 -6.17 -17.72 0.82
C GLN A 14 -6.32 -16.57 1.83
N LEU A 15 -5.19 -15.97 2.17
CA LEU A 15 -5.14 -14.80 3.04
C LEU A 15 -6.10 -13.68 2.61
N MET A 16 -6.03 -13.27 1.34
CA MET A 16 -6.84 -12.15 0.84
C MET A 16 -8.33 -12.39 0.97
N SER A 17 -8.77 -13.63 0.77
CA SER A 17 -10.19 -13.93 0.76
C SER A 17 -10.80 -13.86 2.16
N LEU A 18 -10.08 -14.36 3.16
CA LEU A 18 -10.62 -14.32 4.50
C LEU A 18 -10.70 -12.88 5.00
N ILE A 19 -9.75 -12.05 4.57
CA ILE A 19 -9.71 -10.66 4.99
C ILE A 19 -10.84 -9.85 4.33
N ILE A 20 -11.06 -10.05 3.04
CA ILE A 20 -12.07 -9.25 2.36
C ILE A 20 -13.48 -9.61 2.86
N ASN A 21 -13.60 -10.78 3.47
CA ASN A 21 -14.89 -11.29 3.93
C ASN A 21 -15.12 -11.14 5.43
N THR A 22 -14.04 -10.85 6.16
CA THR A 22 -14.09 -10.84 7.62
C THR A 22 -15.06 -9.79 8.22
N VAL A 23 -15.61 -10.13 9.38
CA VAL A 23 -16.47 -9.24 10.17
C VAL A 23 -15.69 -8.58 11.28
N TYR A 24 -14.36 -8.63 11.18
CA TYR A 24 -13.48 -8.05 12.20
C TYR A 24 -13.77 -6.56 12.38
N SER A 25 -13.72 -6.10 13.62
CA SER A 25 -14.19 -4.77 13.97
C SER A 25 -13.21 -3.65 13.66
N ASN A 26 -11.94 -3.87 13.97
CA ASN A 26 -10.93 -2.81 13.95
C ASN A 26 -10.22 -2.67 12.61
N LYS A 27 -10.98 -2.34 11.58
CA LYS A 27 -10.44 -2.29 10.22
C LYS A 27 -9.40 -1.17 10.03
N GLU A 28 -9.35 -0.22 10.96
CA GLU A 28 -8.50 0.96 10.82
C GLU A 28 -7.00 0.66 10.89
N ILE A 29 -6.66 -0.56 11.27
CA ILE A 29 -5.25 -0.96 11.42
C ILE A 29 -4.51 -0.99 10.08
N PHE A 30 -5.27 -1.11 8.99
CA PHE A 30 -4.68 -1.15 7.66
C PHE A 30 -3.75 0.04 7.44
N LEU A 31 -4.12 1.19 8.00
CA LEU A 31 -3.36 2.42 7.71
C LEU A 31 -1.96 2.39 8.33
N ARG A 32 -1.86 1.91 9.57
CA ARG A 32 -0.56 1.79 10.22
C ARG A 32 0.39 0.87 9.44
N GLU A 33 -0.14 -0.25 8.97
CA GLU A 33 0.58 -1.18 8.10
C GLU A 33 1.09 -0.54 6.81
N LEU A 34 0.24 0.26 6.17
CA LEU A 34 0.65 0.89 4.91
C LEU A 34 1.65 2.05 5.13
N ILE A 35 1.45 2.78 6.23
CA ILE A 35 2.41 3.80 6.61
C ILE A 35 3.71 3.14 7.01
N SER A 36 3.62 2.03 7.74
CA SER A 36 4.82 1.29 8.12
C SER A 36 5.61 0.81 6.87
N ASN A 37 4.92 0.25 5.88
CA ASN A 37 5.56 -0.10 4.61
C ASN A 37 6.17 1.09 3.88
N ALA A 38 5.47 2.22 3.91
CA ALA A 38 5.96 3.43 3.28
C ALA A 38 7.25 3.85 3.98
N SER A 39 7.21 3.89 5.31
CA SER A 39 8.39 4.23 6.09
C SER A 39 9.56 3.30 5.74
N ASP A 40 9.31 1.98 5.71
CA ASP A 40 10.35 1.02 5.32
C ASP A 40 10.99 1.35 3.96
N ALA A 41 10.16 1.62 2.95
CA ALA A 41 10.67 1.92 1.62
C ALA A 41 11.48 3.20 1.61
N LEU A 42 11.07 4.14 2.45
CA LEU A 42 11.80 5.39 2.60
C LEU A 42 13.15 5.16 3.29
N ASP A 43 13.17 4.29 4.30
CA ASP A 43 14.42 3.84 4.93
C ASP A 43 15.37 3.28 3.89
N LYS A 44 14.84 2.42 3.01
CA LYS A 44 15.67 1.73 2.01
C LYS A 44 16.31 2.67 0.99
N ILE A 45 15.57 3.66 0.50
CA ILE A 45 16.16 4.61 -0.45
C ILE A 45 17.13 5.55 0.28
N ARG A 46 16.84 5.83 1.55
CA ARG A 46 17.75 6.64 2.33
C ARG A 46 19.04 5.88 2.66
N TYR A 47 18.91 4.65 3.15
CA TYR A 47 20.09 3.82 3.41
C TYR A 47 20.87 3.57 2.12
N LYS A 48 20.15 3.23 1.07
CA LYS A 48 20.73 3.04 -0.26
C LYS A 48 21.53 4.28 -0.67
N SER A 49 20.95 5.46 -0.45
CA SER A 49 21.56 6.73 -0.84
CA SER A 49 21.59 6.70 -0.88
C SER A 49 22.85 7.04 -0.09
N LEU A 50 23.08 6.32 1.01
CA LEU A 50 24.31 6.53 1.77
C LEU A 50 25.57 6.31 0.91
N SER A 51 25.52 5.30 0.05
CA SER A 51 26.67 4.95 -0.78
C SER A 51 26.42 5.29 -2.24
N ASP A 52 25.19 5.70 -2.53
CA ASP A 52 24.78 6.04 -3.89
C ASP A 52 23.83 7.23 -3.82
N PRO A 53 24.41 8.44 -3.63
CA PRO A 53 23.69 9.69 -3.44
C PRO A 53 22.75 10.08 -4.58
N LYS A 54 23.13 9.80 -5.82
CA LYS A 54 22.34 10.20 -6.99
C LYS A 54 20.98 9.49 -7.06
N GLN A 55 20.81 8.44 -6.26
CA GLN A 55 19.56 7.69 -6.21
C GLN A 55 18.40 8.55 -5.72
N LEU A 56 18.74 9.66 -5.05
CA LEU A 56 17.73 10.56 -4.49
C LEU A 56 17.21 11.59 -5.48
N GLU A 57 17.97 11.85 -6.54
CA GLU A 57 17.67 12.95 -7.46
C GLU A 57 16.33 12.85 -8.20
N THR A 58 15.81 11.63 -8.34
CA THR A 58 14.55 11.39 -9.04
C THR A 58 13.36 11.94 -8.24
N GLU A 59 13.61 12.17 -6.95
CA GLU A 59 12.61 12.72 -6.04
C GLU A 59 13.31 13.04 -4.71
N PRO A 60 13.89 14.23 -4.59
CA PRO A 60 14.75 14.64 -3.47
C PRO A 60 14.03 14.70 -2.12
N ASP A 61 12.71 14.86 -2.14
CA ASP A 61 11.95 14.94 -0.89
C ASP A 61 11.45 13.59 -0.40
N LEU A 62 11.69 13.29 0.86
CA LEU A 62 11.25 12.06 1.49
C LEU A 62 9.99 12.30 2.31
N PHE A 63 8.87 11.74 1.86
CA PHE A 63 7.59 12.01 2.49
C PHE A 63 6.65 10.82 2.37
N ILE A 64 5.67 10.78 3.25
CA ILE A 64 4.50 9.93 3.11
C ILE A 64 3.33 10.88 2.89
N ARG A 65 2.50 10.61 1.89
CA ARG A 65 1.37 11.50 1.57
C ARG A 65 0.04 10.74 1.43
N ILE A 66 -0.99 11.19 2.13
CA ILE A 66 -2.29 10.56 2.03
C ILE A 66 -3.28 11.52 1.33
N THR A 67 -3.94 11.00 0.31
CA THR A 67 -4.82 11.80 -0.54
C THR A 67 -6.16 11.13 -0.75
N PRO A 68 -7.16 11.57 0.02
CA PRO A 68 -8.57 11.23 -0.15
C PRO A 68 -9.07 11.71 -1.52
N LYS A 69 -9.75 10.83 -2.25
CA LYS A 69 -10.39 11.20 -3.49
C LYS A 69 -11.86 10.80 -3.42
N PRO A 70 -12.65 11.59 -2.67
CA PRO A 70 -14.05 11.29 -2.33
C PRO A 70 -14.88 10.88 -3.54
N GLU A 71 -14.73 11.60 -4.65
CA GLU A 71 -15.55 11.35 -5.84
C GLU A 71 -15.42 9.91 -6.34
N GLN A 72 -14.21 9.37 -6.26
CA GLN A 72 -13.96 8.00 -6.72
C GLN A 72 -13.99 6.96 -5.59
N LYS A 73 -14.35 7.38 -4.39
CA LYS A 73 -14.28 6.48 -3.24
C LYS A 73 -12.89 5.84 -3.19
N VAL A 74 -11.87 6.66 -3.40
CA VAL A 74 -10.51 6.19 -3.42
C VAL A 74 -9.67 6.83 -2.31
N LEU A 75 -8.77 6.05 -1.73
CA LEU A 75 -7.80 6.60 -0.79
C LEU A 75 -6.40 6.25 -1.25
N GLU A 76 -5.55 7.25 -1.43
CA GLU A 76 -4.18 6.96 -1.89
C GLU A 76 -3.16 7.20 -0.78
N ILE A 77 -2.22 6.26 -0.67
CA ILE A 77 -1.11 6.45 0.22
C ILE A 77 0.14 6.39 -0.63
N ARG A 78 0.85 7.51 -0.67
CA ARG A 78 2.04 7.66 -1.49
C ARG A 78 3.29 7.81 -0.62
N ASP A 79 4.40 7.29 -1.14
CA ASP A 79 5.68 7.60 -0.54
C ASP A 79 6.69 7.76 -1.65
N SER A 80 7.78 8.45 -1.35
CA SER A 80 8.87 8.59 -2.30
C SER A 80 10.02 7.66 -1.91
N GLY A 81 9.66 6.45 -1.49
CA GLY A 81 10.62 5.43 -1.13
C GLY A 81 11.34 4.85 -2.33
N ILE A 82 11.98 3.70 -2.12
CA ILE A 82 12.78 3.05 -3.16
C ILE A 82 11.96 2.56 -4.36
N GLY A 83 10.70 2.19 -4.14
CA GLY A 83 9.82 1.73 -5.21
C GLY A 83 10.09 0.28 -5.60
N MET A 84 9.34 -0.25 -6.57
CA MET A 84 9.51 -1.62 -7.02
C MET A 84 9.55 -1.65 -8.53
N THR A 85 10.46 -2.44 -9.08
CA THR A 85 10.49 -2.67 -10.51
C THR A 85 9.29 -3.54 -10.89
N LYS A 86 9.07 -3.73 -12.17
CA LYS A 86 8.01 -4.61 -12.61
C LYS A 86 8.19 -6.00 -11.96
N ALA A 87 9.41 -6.54 -12.06
CA ALA A 87 9.69 -7.88 -11.52
C ALA A 87 9.51 -7.92 -10.00
N GLU A 88 9.86 -6.84 -9.30
CA GLU A 88 9.63 -6.74 -7.86
C GLU A 88 8.15 -6.76 -7.49
N LEU A 89 7.31 -6.07 -8.27
CA LEU A 89 5.89 -6.04 -7.99
C LEU A 89 5.28 -7.43 -8.09
N ILE A 90 5.65 -8.13 -9.16
CA ILE A 90 5.17 -9.48 -9.45
C ILE A 90 5.60 -10.44 -8.33
N ASN A 91 6.88 -10.39 -8.00
CA ASN A 91 7.48 -11.25 -7.00
C ASN A 91 7.00 -10.99 -5.56
N ASN A 92 7.19 -9.76 -5.12
CA ASN A 92 6.80 -9.29 -3.80
C ASN A 92 5.33 -9.42 -3.47
N LEU A 93 4.47 -9.08 -4.44
CA LEU A 93 3.05 -8.95 -4.13
C LEU A 93 2.21 -10.18 -4.46
N GLY A 94 2.67 -11.03 -5.37
CA GLY A 94 1.83 -12.15 -5.77
C GLY A 94 2.43 -13.54 -5.80
N THR A 95 3.64 -13.65 -6.33
CA THR A 95 4.11 -14.96 -6.76
C THR A 95 5.08 -15.61 -5.78
N ILE A 96 5.38 -14.94 -4.69
CA ILE A 96 6.23 -15.54 -3.68
C ILE A 96 5.76 -15.14 -2.29
N GLY A 100 6.15 -17.13 6.36
CA GLY A 100 5.50 -15.83 6.54
C GLY A 100 3.98 -15.84 6.46
N THR A 101 3.43 -15.99 5.25
CA THR A 101 1.99 -15.91 5.04
C THR A 101 1.17 -16.94 5.83
N LYS A 102 1.43 -18.22 5.59
CA LYS A 102 0.57 -19.28 6.11
C LYS A 102 0.53 -19.26 7.63
N ALA A 103 1.64 -18.87 8.25
CA ALA A 103 1.77 -18.89 9.70
C ALA A 103 0.86 -17.84 10.34
N PHE A 104 0.62 -16.74 9.62
CA PHE A 104 -0.33 -15.73 10.09
C PHE A 104 -1.74 -16.29 10.06
N MET A 105 -2.11 -17.00 9.00
CA MET A 105 -3.43 -17.60 8.93
C MET A 105 -3.64 -18.62 10.04
N GLU A 106 -2.56 -19.29 10.42
CA GLU A 106 -2.60 -20.23 11.53
C GLU A 106 -2.71 -19.50 12.85
N ALA A 107 -1.99 -18.40 13.00
CA ALA A 107 -2.10 -17.64 14.25
C ALA A 107 -3.53 -17.13 14.37
N LEU A 108 -4.05 -16.60 13.27
CA LEU A 108 -5.43 -16.10 13.19
C LEU A 108 -6.47 -17.11 13.65
N SER A 109 -6.36 -18.33 13.13
CA SER A 109 -7.35 -19.35 13.41
C SER A 109 -7.27 -19.86 14.85
N ALA A 110 -6.31 -19.35 15.60
CA ALA A 110 -6.14 -19.80 16.97
C ALA A 110 -6.63 -18.73 17.92
N GLY A 111 -6.88 -17.54 17.37
CA GLY A 111 -7.44 -16.46 18.16
C GLY A 111 -6.69 -15.16 17.96
N ALA A 112 -5.65 -15.20 17.13
CA ALA A 112 -4.81 -14.02 16.94
C ALA A 112 -5.59 -12.83 16.40
N ASP A 113 -5.18 -11.64 16.84
CA ASP A 113 -5.72 -10.38 16.38
C ASP A 113 -5.07 -10.01 15.03
N VAL A 114 -5.87 -9.67 14.03
CA VAL A 114 -5.27 -9.32 12.73
C VAL A 114 -4.26 -8.18 12.82
N SER A 115 -4.28 -7.45 13.93
CA SER A 115 -3.28 -6.41 14.13
C SER A 115 -1.85 -6.97 14.14
N MET A 116 -1.72 -8.27 14.42
CA MET A 116 -0.41 -8.94 14.37
C MET A 116 0.15 -9.08 12.95
N ILE A 117 -0.70 -8.88 11.95
CA ILE A 117 -0.39 -9.15 10.56
C ILE A 117 0.99 -8.65 10.16
N GLY A 118 1.31 -7.43 10.57
CA GLY A 118 2.59 -6.82 10.25
C GLY A 118 3.79 -7.57 10.79
N GLN A 119 3.58 -8.34 11.86
CA GLN A 119 4.68 -9.09 12.47
C GLN A 119 5.00 -10.36 11.70
N PHE A 120 4.05 -10.76 10.85
CA PHE A 120 4.26 -11.87 9.93
C PHE A 120 4.77 -11.41 8.56
N GLY A 121 4.85 -10.11 8.36
CA GLY A 121 5.43 -9.53 7.16
C GLY A 121 4.46 -9.36 6.01
N VAL A 122 3.17 -9.44 6.30
CA VAL A 122 2.17 -9.47 5.25
C VAL A 122 1.09 -8.42 5.44
N GLY A 123 1.42 -7.36 6.19
CA GLY A 123 0.46 -6.31 6.48
C GLY A 123 -0.13 -5.62 5.25
N PHE A 124 0.60 -5.64 4.15
CA PHE A 124 0.08 -5.12 2.88
C PHE A 124 -1.37 -5.54 2.67
N TYR A 125 -1.61 -6.85 2.82
CA TYR A 125 -2.93 -7.45 2.58
C TYR A 125 -4.05 -6.95 3.52
N SER A 126 -3.68 -6.27 4.60
CA SER A 126 -4.69 -5.72 5.50
C SER A 126 -5.54 -4.65 4.81
N LEU A 127 -5.10 -4.18 3.66
CA LEU A 127 -5.84 -3.14 2.94
C LEU A 127 -7.23 -3.65 2.51
N PHE A 128 -7.35 -4.98 2.42
CA PHE A 128 -8.63 -5.59 2.02
C PHE A 128 -9.73 -5.54 3.10
N LEU A 129 -9.34 -5.13 4.31
CA LEU A 129 -10.31 -4.80 5.34
C LEU A 129 -11.20 -3.63 4.89
N VAL A 130 -10.60 -2.63 4.24
CA VAL A 130 -11.34 -1.43 3.87
C VAL A 130 -11.58 -1.28 2.36
N ALA A 131 -10.81 -2.02 1.57
CA ALA A 131 -10.90 -1.93 0.11
C ALA A 131 -11.20 -3.29 -0.51
N ASP A 132 -12.03 -3.31 -1.55
CA ASP A 132 -12.27 -4.54 -2.31
C ASP A 132 -11.40 -4.59 -3.59
N ARG A 133 -10.61 -3.55 -3.81
CA ARG A 133 -9.78 -3.43 -5.00
C ARG A 133 -8.61 -2.49 -4.70
N VAL A 134 -7.44 -2.78 -5.28
CA VAL A 134 -6.28 -1.94 -5.09
C VAL A 134 -5.46 -1.84 -6.38
N GLN A 135 -4.84 -0.68 -6.61
CA GLN A 135 -3.80 -0.52 -7.62
C GLN A 135 -2.55 -0.07 -6.90
N VAL A 136 -1.46 -0.82 -7.06
CA VAL A 136 -0.15 -0.38 -6.57
C VAL A 136 0.62 0.19 -7.76
N ILE A 137 0.92 1.48 -7.68
CA ILE A 137 1.59 2.20 -8.73
C ILE A 137 3.00 2.46 -8.21
N SER A 138 4.01 2.01 -8.95
CA SER A 138 5.34 2.10 -8.41
C SER A 138 6.37 2.49 -9.47
N LYS A 139 7.30 3.34 -9.04
CA LYS A 139 8.44 3.74 -9.84
C LYS A 139 9.76 3.52 -9.07
N SER A 140 10.50 2.50 -9.47
CA SER A 140 11.88 2.31 -9.01
C SER A 140 12.79 3.13 -9.93
N ASN A 141 13.91 3.62 -9.40
CA ASN A 141 14.92 4.23 -10.27
C ASN A 141 15.33 3.25 -11.39
N ASP A 142 15.21 1.96 -11.12
CA ASP A 142 15.70 0.92 -12.04
C ASP A 142 14.72 0.44 -13.10
N ASP A 143 13.52 0.99 -13.12
CA ASP A 143 12.54 0.53 -14.10
C ASP A 143 11.57 1.65 -14.47
N GLU A 144 10.65 1.34 -15.38
CA GLU A 144 9.57 2.23 -15.76
C GLU A 144 8.49 2.21 -14.68
N GLN A 145 7.51 3.10 -14.77
CA GLN A 145 6.38 3.11 -13.85
C GLN A 145 5.41 2.04 -14.27
N TYR A 146 4.96 1.25 -13.29
CA TYR A 146 4.06 0.14 -13.51
C TYR A 146 2.88 0.15 -12.54
N ILE A 147 1.78 -0.45 -12.99
CA ILE A 147 0.58 -0.62 -12.16
C ILE A 147 0.31 -2.10 -11.90
N TRP A 148 0.31 -2.46 -10.61
CA TRP A 148 -0.10 -3.80 -10.17
C TRP A 148 -1.53 -3.66 -9.66
N GLU A 149 -2.42 -4.52 -10.13
CA GLU A 149 -3.79 -4.42 -9.70
C GLU A 149 -4.39 -5.75 -9.29
N SER A 150 -5.13 -5.71 -8.18
CA SER A 150 -5.81 -6.86 -7.64
C SER A 150 -7.18 -6.53 -7.03
N ASN A 151 -8.13 -7.46 -7.17
CA ASN A 151 -9.41 -7.40 -6.48
C ASN A 151 -9.58 -8.58 -5.50
N ALA A 152 -8.47 -9.13 -5.03
CA ALA A 152 -8.44 -10.27 -4.11
C ALA A 152 -8.80 -11.61 -4.76
N GLY A 153 -8.84 -11.65 -6.08
CA GLY A 153 -9.08 -12.88 -6.79
C GLY A 153 -7.89 -13.84 -6.69
N GLY A 154 -7.75 -14.71 -7.67
CA GLY A 154 -6.61 -15.62 -7.74
C GLY A 154 -5.55 -15.12 -8.72
N SER A 155 -5.87 -14.04 -9.44
CA SER A 155 -4.92 -13.44 -10.38
C SER A 155 -4.84 -11.93 -10.21
N PHE A 156 -3.67 -11.38 -10.53
CA PHE A 156 -3.49 -9.93 -10.59
C PHE A 156 -3.01 -9.56 -11.99
N THR A 157 -3.05 -8.27 -12.29
CA THR A 157 -2.50 -7.76 -13.53
C THR A 157 -1.35 -6.78 -13.26
N VAL A 158 -0.43 -6.69 -14.20
CA VAL A 158 0.65 -5.71 -14.17
C VAL A 158 0.67 -5.04 -15.54
N THR A 159 0.70 -3.71 -15.55
CA THR A 159 0.60 -2.95 -16.79
C THR A 159 1.57 -1.77 -16.75
N LEU A 160 2.34 -1.60 -17.82
CA LEU A 160 3.15 -0.39 -17.98
C LEU A 160 2.23 0.84 -17.81
N ASP A 161 2.68 1.82 -17.04
CA ASP A 161 1.81 2.95 -16.67
C ASP A 161 1.85 4.10 -17.67
N GLU A 162 0.74 4.28 -18.38
CA GLU A 162 0.60 5.39 -19.31
C GLU A 162 -0.65 6.21 -18.97
N VAL A 163 -1.18 6.01 -17.77
CA VAL A 163 -2.46 6.64 -17.42
C VAL A 163 -2.47 7.48 -16.13
N ASN A 164 -1.46 7.30 -15.27
CA ASN A 164 -1.39 7.99 -13.98
C ASN A 164 -0.31 9.03 -13.96
N GLU A 165 -0.39 9.94 -12.98
CA GLU A 165 0.64 10.95 -12.83
C GLU A 165 2.00 10.29 -12.69
N ARG A 166 3.04 10.96 -13.18
CA ARG A 166 4.40 10.51 -12.96
C ARG A 166 4.74 10.71 -11.49
N ILE A 167 5.15 9.65 -10.83
CA ILE A 167 5.80 9.84 -9.56
C ILE A 167 7.27 9.73 -9.90
N GLY A 168 8.08 10.60 -9.35
CA GLY A 168 9.49 10.59 -9.67
C GLY A 168 10.10 9.28 -9.24
N ARG A 169 9.73 8.83 -8.04
CA ARG A 169 10.23 7.58 -7.49
C ARG A 169 9.34 7.24 -6.30
N GLY A 170 9.02 5.97 -6.12
CA GLY A 170 8.27 5.55 -4.97
C GLY A 170 7.07 4.71 -5.34
N THR A 171 6.07 4.73 -4.47
CA THR A 171 4.92 3.86 -4.60
C THR A 171 3.65 4.56 -4.15
N ILE A 172 2.59 4.37 -4.92
CA ILE A 172 1.25 4.78 -4.50
C ILE A 172 0.39 3.54 -4.30
N LEU A 173 -0.23 3.43 -3.14
CA LEU A 173 -1.30 2.47 -2.95
C LEU A 173 -2.63 3.19 -3.16
N ARG A 174 -3.33 2.82 -4.23
CA ARG A 174 -4.62 3.40 -4.52
C ARG A 174 -5.71 2.43 -4.09
N LEU A 175 -6.37 2.73 -2.96
CA LEU A 175 -7.38 1.84 -2.41
C LEU A 175 -8.76 2.26 -2.86
N PHE A 176 -9.48 1.33 -3.49
CA PHE A 176 -10.87 1.55 -3.83
C PHE A 176 -11.71 1.07 -2.67
N LEU A 177 -12.13 2.02 -1.82
CA LEU A 177 -12.81 1.70 -0.58
C LEU A 177 -14.18 1.05 -0.81
N LYS A 178 -14.55 0.14 0.08
CA LYS A 178 -15.90 -0.41 0.11
C LYS A 178 -16.88 0.69 0.50
N ASP A 179 -18.16 0.50 0.18
CA ASP A 179 -19.18 1.52 0.43
C ASP A 179 -19.42 1.81 1.91
N ASP A 180 -19.12 0.82 2.75
CA ASP A 180 -19.30 0.99 4.18
C ASP A 180 -18.07 1.58 4.85
N GLN A 181 -17.03 1.83 4.06
CA GLN A 181 -15.74 2.24 4.60
C GLN A 181 -15.35 3.65 4.20
N LEU A 182 -16.31 4.41 3.70
CA LEU A 182 -16.03 5.73 3.16
C LEU A 182 -15.53 6.75 4.18
N GLU A 183 -15.49 6.33 5.44
CA GLU A 183 -15.09 7.22 6.53
C GLU A 183 -13.62 7.55 6.43
N TYR A 184 -12.87 6.69 5.74
CA TYR A 184 -11.43 6.89 5.62
C TYR A 184 -11.06 7.98 4.59
N LEU A 185 -12.08 8.54 3.95
CA LEU A 185 -11.91 9.71 3.09
C LEU A 185 -11.91 11.00 3.90
N GLU A 186 -12.32 10.91 5.18
CA GLU A 186 -12.53 12.09 6.02
C GLU A 186 -11.27 12.55 6.76
N GLU A 187 -10.92 13.82 6.56
CA GLU A 187 -9.72 14.39 7.21
C GLU A 187 -9.64 14.08 8.71
N LYS A 188 -10.75 14.24 9.42
CA LYS A 188 -10.76 14.02 10.86
C LYS A 188 -10.46 12.56 11.23
N ARG A 189 -11.20 11.64 10.63
CA ARG A 189 -10.99 10.20 10.82
C ARG A 189 -9.53 9.78 10.58
N ILE A 190 -9.01 10.19 9.42
CA ILE A 190 -7.63 9.89 9.03
C ILE A 190 -6.61 10.37 10.05
N LYS A 191 -6.74 11.63 10.47
CA LYS A 191 -5.83 12.22 11.47
C LYS A 191 -5.89 11.48 12.80
N GLU A 192 -7.11 11.10 13.19
CA GLU A 192 -7.30 10.34 14.43
C GLU A 192 -6.57 8.98 14.36
N VAL A 193 -6.63 8.34 13.20
CA VAL A 193 -6.00 7.02 13.05
C VAL A 193 -4.47 7.13 13.00
N ILE A 194 -3.96 8.14 12.30
CA ILE A 194 -2.52 8.40 12.27
C ILE A 194 -1.93 8.59 13.65
N LYS A 195 -2.52 9.48 14.44
CA LYS A 195 -1.97 9.83 15.75
C LYS A 195 -1.98 8.64 16.68
N ARG A 196 -3.00 7.79 16.54
CA ARG A 196 -3.19 6.67 17.45
C ARG A 196 -2.19 5.53 17.25
N HIS A 197 -1.79 5.28 16.00
CA HIS A 197 -0.99 4.09 15.71
C HIS A 197 0.32 4.34 14.99
N SER A 198 0.55 5.60 14.58
CA SER A 198 1.77 5.95 13.85
C SER A 198 2.46 7.17 14.48
N GLU A 199 2.78 7.08 15.76
CA GLU A 199 3.38 8.19 16.49
C GLU A 199 4.86 8.38 16.14
N PHE A 200 5.57 7.27 16.01
CA PHE A 200 7.01 7.32 15.81
C PHE A 200 7.40 7.04 14.36
N VAL A 201 7.11 7.99 13.49
CA VAL A 201 7.48 7.88 12.08
C VAL A 201 8.54 8.93 11.77
N ALA A 202 9.61 8.53 11.09
CA ALA A 202 10.72 9.45 10.84
C ALA A 202 10.45 10.47 9.73
N TYR A 203 9.43 10.21 8.93
CA TYR A 203 9.20 11.06 7.76
C TYR A 203 7.92 11.86 7.91
N PRO A 204 7.86 13.02 7.24
CA PRO A 204 6.62 13.82 7.26
C PRO A 204 5.47 12.99 6.68
N ILE A 205 4.33 13.02 7.37
CA ILE A 205 3.12 12.45 6.81
C ILE A 205 2.22 13.61 6.39
N GLN A 206 2.08 13.77 5.07
CA GLN A 206 1.28 14.85 4.52
C GLN A 206 -0.14 14.41 4.20
N LEU A 207 -1.10 15.24 4.57
CA LEU A 207 -2.50 15.00 4.27
C LEU A 207 -2.97 16.01 3.24
N VAL A 208 -3.56 15.51 2.16
CA VAL A 208 -4.02 16.36 1.08
C VAL A 208 -5.51 16.56 1.22
N VAL A 209 -5.92 17.77 1.58
CA VAL A 209 -7.34 18.06 1.78
C VAL A 209 -7.88 19.03 0.71
N THR A 210 -9.02 18.67 0.13
CA THR A 210 -9.70 19.53 -0.83
C THR A 210 -10.88 20.28 -0.21
N LYS A 211 -10.77 21.60 -0.14
CA LYS A 211 -11.82 22.41 0.46
C LYS A 211 -12.35 23.50 -0.47
N GLU A 212 -13.66 23.52 -0.65
CA GLU A 212 -14.31 24.54 -1.45
C GLU A 212 -14.18 25.88 -0.72
N VAL A 213 -13.68 26.90 -1.41
CA VAL A 213 -13.51 28.19 -0.78
C VAL A 213 -14.79 29.01 -0.87
N GLU A 214 -15.01 29.91 0.09
CA GLU A 214 -16.15 30.81 0.04
C GLU A 214 -15.77 32.21 0.56
C01 13I B . 5.64 1.04 -0.40
C02 13I B . 4.32 1.21 0.26
C03 13I B . 3.49 0.04 0.44
C04 13I B . 3.97 -1.32 -0.01
C05 13I B . 5.28 -1.50 -0.68
C06 13I B . 6.11 -0.34 -0.86
C07 13I B . 7.43 -0.42 -1.55
O08 13I B . 7.55 0.09 -2.67
N09 13I B . 8.53 -1.05 -0.90
C10 13I B . 9.88 -1.04 -1.47
C11 13I B . 10.87 -1.92 -0.74
C12 13I B . 10.47 -3.35 -0.52
C13 13I B . 10.09 -3.81 0.76
C14 13I B . 9.52 -5.23 0.95
C15 13I B . 8.97 -5.93 -0.25
C16 13I B . 7.63 -5.47 -0.80
C17 13I B . 6.61 -5.14 0.24
C18 13I B . 6.13 -3.67 0.22
C19 13I B . 5.76 -2.89 -1.02
O20 13I B . 6.13 -3.10 1.30
C21 13I B . 5.50 -6.12 0.46
O22 13I B . 4.75 -5.93 1.43
O23 13I B . 5.58 -7.34 0.01
C24 13I B . 4.43 -8.16 0.18
C25 13I B . 4.40 -9.09 1.35
CL 13I B . 2.91 -2.68 0.16
O27 13I B . 2.28 0.13 1.08
O28 13I B . 6.49 2.08 -0.60
#